data_8K16
#
_entry.id   8K16
#
_cell.length_a   122.418
_cell.length_b   122.418
_cell.length_c   83.853
_cell.angle_alpha   90.000
_cell.angle_beta   90.000
_cell.angle_gamma   90.000
#
_symmetry.space_group_name_H-M   'I 4'
#
loop_
_entity.id
_entity.type
_entity.pdbx_description
1 polymer 'Ktr system potassium uptake protein A'
2 non-polymer "ADENOSINE-5'-TRIPHOSPHATE"
3 non-polymer 'THALLIUM (I) ION'
#
_entity_poly.entity_id   1
_entity_poly.type   'polypeptide(L)'
_entity_poly.pdbx_seq_one_letter_code
;MGRIKNKQFAVIGLGRFGGSICKELHRMGHEVLAVDINEEKVNAYASYATHAVIANATEENELLSLGIRNFEYVIVAIGA
NIQASTLTTLLLKELDIPNIWVKAQNYYHHKVLEKIGADRIIHPEKDMGVKIAQSLSDENVLNYIDLSDEYSIVELLATR
KLDSKSIIDLNVRAKYGCTILAIKHHGDICLSPAPEDIIREQDCLVIMGHKKDIKRFENEGM
;
_entity_poly.pdbx_strand_id   A,B
#
loop_
_chem_comp.id
_chem_comp.type
_chem_comp.name
_chem_comp.formula
ATP non-polymer ADENOSINE-5'-TRIPHOSPHATE 'C10 H16 N5 O13 P3'
TL non-polymer 'THALLIUM (I) ION' 'Tl 1'
#
# COMPACT_ATOMS: atom_id res chain seq x y z
N ASN A 6 -22.92 6.45 12.79
CA ASN A 6 -22.27 6.69 11.52
C ASN A 6 -22.41 5.47 10.61
N LYS A 7 -21.40 4.60 10.63
CA LYS A 7 -21.40 3.38 9.86
C LYS A 7 -21.05 2.21 10.77
N GLN A 8 -21.61 1.04 10.48
CA GLN A 8 -21.48 -0.13 11.33
C GLN A 8 -20.39 -1.04 10.77
N PHE A 9 -19.24 -1.03 11.44
CA PHE A 9 -18.08 -1.84 11.07
C PHE A 9 -17.83 -2.88 12.16
N ALA A 10 -17.35 -4.05 11.75
CA ALA A 10 -16.98 -5.11 12.68
C ALA A 10 -15.70 -5.75 12.17
N VAL A 11 -14.58 -5.49 12.84
CA VAL A 11 -13.29 -6.04 12.47
C VAL A 11 -13.06 -7.31 13.28
N ILE A 12 -13.30 -8.46 12.66
CA ILE A 12 -12.98 -9.75 13.25
C ILE A 12 -11.55 -10.09 12.90
N GLY A 13 -10.76 -10.43 13.91
CA GLY A 13 -9.38 -10.79 13.67
C GLY A 13 -8.42 -9.64 13.83
N LEU A 14 -8.27 -9.14 15.06
CA LEU A 14 -7.31 -8.09 15.34
C LEU A 14 -5.89 -8.61 15.11
N GLY A 15 -5.15 -7.91 14.25
CA GLY A 15 -3.78 -8.28 13.94
C GLY A 15 -3.06 -7.03 13.50
N ARG A 16 -1.95 -7.17 12.78
CA ARG A 16 -1.28 -5.98 12.26
C ARG A 16 -2.14 -5.28 11.22
N PHE A 17 -2.85 -6.05 10.42
CA PHE A 17 -3.73 -5.47 9.39
C PHE A 17 -5.05 -5.03 10.01
N GLY A 18 -5.79 -5.98 10.59
CA GLY A 18 -7.10 -5.65 11.15
C GLY A 18 -7.02 -4.68 12.32
N GLY A 19 -5.96 -4.76 13.11
CA GLY A 19 -5.78 -3.80 14.18
C GLY A 19 -5.57 -2.39 13.65
N SER A 20 -4.80 -2.26 12.57
CA SER A 20 -4.65 -0.96 11.93
C SER A 20 -5.97 -0.45 11.39
N ILE A 21 -6.73 -1.32 10.74
CA ILE A 21 -8.06 -0.94 10.26
C ILE A 21 -8.90 -0.39 11.40
N CYS A 22 -8.95 -1.12 12.52
CA CYS A 22 -9.76 -0.71 13.66
C CYS A 22 -9.29 0.62 14.22
N LYS A 23 -7.98 0.76 14.45
CA LYS A 23 -7.43 1.98 15.03
C LYS A 23 -7.72 3.18 14.16
N GLU A 24 -7.44 3.07 12.85
CA GLU A 24 -7.68 4.19 11.95
C GLU A 24 -9.16 4.51 11.81
N LEU A 25 -10.00 3.48 11.71
CA LEU A 25 -11.43 3.70 11.54
C LEU A 25 -12.05 4.36 12.76
N HIS A 26 -11.53 4.08 13.95
CA HIS A 26 -12.06 4.75 15.13
C HIS A 26 -11.47 6.15 15.30
N ARG A 27 -10.21 6.34 14.91
CA ARG A 27 -9.71 7.72 14.80
C ARG A 27 -10.55 8.50 13.80
N MET A 28 -11.14 7.81 12.83
CA MET A 28 -12.11 8.38 11.92
C MET A 28 -13.48 8.57 12.56
N GLY A 29 -13.74 7.94 13.70
CA GLY A 29 -14.97 8.16 14.44
C GLY A 29 -16.13 7.29 14.03
N HIS A 30 -15.86 6.01 13.79
CA HIS A 30 -16.89 5.07 13.38
C HIS A 30 -17.13 4.03 14.48
N GLU A 31 -18.29 3.38 14.41
CA GLU A 31 -18.62 2.29 15.31
C GLU A 31 -17.89 1.04 14.82
N VAL A 32 -16.76 0.72 15.45
CA VAL A 32 -15.91 -0.39 15.04
C VAL A 32 -15.90 -1.40 16.17
N LEU A 33 -16.47 -2.58 15.91
CA LEU A 33 -16.49 -3.67 16.88
C LEU A 33 -15.24 -4.52 16.68
N ALA A 34 -14.32 -4.45 17.66
CA ALA A 34 -13.08 -5.22 17.61
C ALA A 34 -13.36 -6.61 18.18
N VAL A 35 -13.36 -7.61 17.30
CA VAL A 35 -13.64 -8.99 17.68
C VAL A 35 -12.35 -9.79 17.62
N ASP A 36 -12.04 -10.50 18.71
CA ASP A 36 -10.88 -11.37 18.74
C ASP A 36 -11.13 -12.51 19.71
N ILE A 37 -10.31 -13.55 19.58
CA ILE A 37 -10.40 -14.72 20.46
C ILE A 37 -9.32 -14.62 21.53
N ASN A 38 -8.24 -13.91 21.20
CA ASN A 38 -7.16 -13.69 22.16
C ASN A 38 -7.53 -12.54 23.09
N GLU A 39 -7.61 -12.84 24.39
CA GLU A 39 -8.01 -11.83 25.36
C GLU A 39 -7.02 -10.67 25.38
N GLU A 40 -5.73 -10.97 25.25
CA GLU A 40 -4.72 -9.91 25.19
C GLU A 40 -4.89 -9.05 23.94
N LYS A 41 -5.31 -9.64 22.83
CA LYS A 41 -5.58 -8.86 21.63
C LYS A 41 -6.77 -7.93 21.85
N VAL A 42 -7.82 -8.41 22.52
CA VAL A 42 -8.97 -7.56 22.80
C VAL A 42 -8.56 -6.41 23.72
N ASN A 43 -7.73 -6.70 24.73
CA ASN A 43 -7.29 -5.65 25.64
C ASN A 43 -6.37 -4.66 24.95
N ALA A 44 -5.59 -5.11 23.97
CA ALA A 44 -4.63 -4.22 23.31
C ALA A 44 -5.34 -3.14 22.52
N TYR A 45 -6.46 -3.48 21.88
CA TYR A 45 -7.21 -2.53 21.07
C TYR A 45 -8.49 -2.06 21.74
N ALA A 46 -8.64 -2.30 23.04
CA ALA A 46 -9.83 -1.86 23.76
C ALA A 46 -9.89 -0.34 23.87
N SER A 47 -8.73 0.31 24.03
CA SER A 47 -8.70 1.75 24.16
C SER A 47 -8.94 2.48 22.84
N TYR A 48 -8.97 1.76 21.72
CA TYR A 48 -9.16 2.37 20.41
C TYR A 48 -10.50 2.04 19.76
N ALA A 49 -11.35 1.25 20.39
CA ALA A 49 -12.62 0.89 19.75
C ALA A 49 -13.80 1.27 20.64
N THR A 50 -14.99 1.17 20.07
CA THR A 50 -16.21 1.37 20.84
C THR A 50 -16.49 0.17 21.73
N HIS A 51 -16.64 -1.01 21.13
CA HIS A 51 -16.80 -2.26 21.85
C HIS A 51 -15.73 -3.24 21.40
N ALA A 52 -15.07 -3.88 22.37
CA ALA A 52 -14.03 -4.88 22.10
C ALA A 52 -14.41 -6.15 22.84
N VAL A 53 -15.03 -7.09 22.12
CA VAL A 53 -15.57 -8.31 22.71
C VAL A 53 -14.67 -9.48 22.39
N ILE A 54 -14.44 -10.34 23.37
CA ILE A 54 -13.73 -11.60 23.15
C ILE A 54 -14.75 -12.62 22.63
N ALA A 55 -14.45 -13.20 21.47
CA ALA A 55 -15.38 -14.15 20.85
C ALA A 55 -14.65 -14.99 19.81
N ASN A 56 -15.14 -16.21 19.63
CA ASN A 56 -14.69 -17.09 18.56
C ASN A 56 -15.67 -16.95 17.40
N ALA A 57 -15.21 -16.36 16.30
CA ALA A 57 -16.11 -16.03 15.20
C ALA A 57 -16.63 -17.27 14.49
N THR A 58 -15.89 -18.37 14.52
CA THR A 58 -16.33 -19.58 13.86
C THR A 58 -17.50 -20.26 14.57
N GLU A 59 -17.86 -19.80 15.77
CA GLU A 59 -19.00 -20.36 16.49
C GLU A 59 -20.25 -19.55 16.19
N GLU A 60 -21.30 -20.25 15.75
CA GLU A 60 -22.54 -19.56 15.40
C GLU A 60 -23.17 -18.89 16.62
N ASN A 61 -23.11 -19.54 17.77
CA ASN A 61 -23.73 -18.99 18.98
C ASN A 61 -23.04 -17.70 19.39
N GLU A 62 -21.70 -17.69 19.41
CA GLU A 62 -20.98 -16.47 19.75
C GLU A 62 -21.20 -15.39 18.71
N LEU A 63 -21.40 -15.77 17.44
CA LEU A 63 -21.61 -14.78 16.39
C LEU A 63 -22.99 -14.13 16.53
N LEU A 64 -24.03 -14.91 16.86
CA LEU A 64 -25.33 -14.32 17.15
C LEU A 64 -25.30 -13.53 18.45
N SER A 65 -24.41 -13.89 19.38
CA SER A 65 -24.27 -13.12 20.61
C SER A 65 -23.68 -11.74 20.34
N LEU A 66 -22.76 -11.66 19.37
CA LEU A 66 -22.18 -10.38 19.00
C LEU A 66 -23.17 -9.47 18.27
N GLY A 67 -24.31 -10.00 17.82
CA GLY A 67 -25.20 -9.23 16.98
C GLY A 67 -24.58 -8.83 15.66
N ILE A 68 -23.89 -9.77 15.00
CA ILE A 68 -23.12 -9.45 13.80
C ILE A 68 -24.04 -9.22 12.59
N ARG A 69 -25.30 -9.67 12.67
CA ARG A 69 -26.22 -9.42 11.58
C ARG A 69 -26.63 -7.96 11.48
N ASN A 70 -26.41 -7.19 12.55
CA ASN A 70 -26.77 -5.77 12.57
C ASN A 70 -25.74 -4.87 11.90
N PHE A 71 -24.61 -5.42 11.49
CA PHE A 71 -23.50 -4.63 10.95
C PHE A 71 -23.54 -4.65 9.44
N GLU A 72 -23.37 -3.49 8.83
CA GLU A 72 -23.32 -3.40 7.38
C GLU A 72 -21.98 -3.85 6.81
N TYR A 73 -20.90 -3.68 7.57
CA TYR A 73 -19.55 -4.00 7.09
C TYR A 73 -18.89 -4.94 8.08
N VAL A 74 -18.42 -6.09 7.60
CA VAL A 74 -17.67 -7.03 8.42
C VAL A 74 -16.36 -7.35 7.72
N ILE A 75 -15.25 -7.18 8.43
CA ILE A 75 -13.91 -7.35 7.88
C ILE A 75 -13.22 -8.48 8.66
N VAL A 76 -13.05 -9.62 8.01
CA VAL A 76 -12.36 -10.77 8.59
C VAL A 76 -10.88 -10.65 8.22
N ALA A 77 -10.08 -10.12 9.14
CA ALA A 77 -8.66 -9.90 8.90
C ALA A 77 -7.81 -11.12 9.22
N ILE A 78 -8.43 -12.27 9.50
CA ILE A 78 -7.67 -13.49 9.77
C ILE A 78 -7.11 -14.01 8.45
N GLY A 79 -5.79 -14.17 8.39
CA GLY A 79 -5.12 -14.61 7.18
C GLY A 79 -4.15 -15.74 7.39
N ALA A 80 -3.84 -16.05 8.65
CA ALA A 80 -2.97 -17.18 8.95
C ALA A 80 -3.75 -18.46 9.18
N ASN A 81 -4.87 -18.40 9.89
CA ASN A 81 -5.77 -19.54 10.04
C ASN A 81 -6.74 -19.52 8.88
N ILE A 82 -6.43 -20.30 7.84
CA ILE A 82 -7.26 -20.31 6.64
C ILE A 82 -8.65 -20.90 6.95
N GLN A 83 -8.68 -21.98 7.73
CA GLN A 83 -9.95 -22.62 8.05
C GLN A 83 -10.86 -21.69 8.84
N ALA A 84 -10.30 -21.01 9.85
CA ALA A 84 -11.11 -20.13 10.68
C ALA A 84 -11.65 -18.94 9.88
N SER A 85 -10.81 -18.37 9.02
CA SER A 85 -11.25 -17.26 8.17
C SER A 85 -12.36 -17.71 7.23
N THR A 86 -12.18 -18.88 6.59
CA THR A 86 -13.20 -19.38 5.68
C THR A 86 -14.50 -19.67 6.41
N LEU A 87 -14.42 -20.28 7.59
CA LEU A 87 -15.62 -20.58 8.36
C LEU A 87 -16.34 -19.31 8.80
N THR A 88 -15.58 -18.30 9.22
CA THR A 88 -16.19 -17.04 9.60
C THR A 88 -16.87 -16.37 8.42
N THR A 89 -16.21 -16.35 7.26
CA THR A 89 -16.80 -15.75 6.08
C THR A 89 -18.08 -16.49 5.68
N LEU A 90 -18.08 -17.82 5.76
CA LEU A 90 -19.28 -18.58 5.45
C LEU A 90 -20.40 -18.29 6.43
N LEU A 91 -20.06 -18.17 7.73
CA LEU A 91 -21.08 -17.85 8.73
C LEU A 91 -21.68 -16.48 8.48
N LEU A 92 -20.86 -15.50 8.11
CA LEU A 92 -21.38 -14.17 7.83
C LEU A 92 -22.23 -14.15 6.56
N LYS A 93 -21.80 -14.88 5.52
CA LYS A 93 -22.59 -14.92 4.31
C LYS A 93 -23.93 -15.62 4.51
N GLU A 94 -23.95 -16.64 5.38
CA GLU A 94 -25.23 -17.24 5.76
C GLU A 94 -26.11 -16.26 6.52
N LEU A 95 -25.51 -15.27 7.17
CA LEU A 95 -26.26 -14.28 7.95
C LEU A 95 -26.62 -13.05 7.13
N ASP A 96 -26.38 -13.09 5.81
CA ASP A 96 -26.80 -12.03 4.88
C ASP A 96 -26.18 -10.69 5.24
N ILE A 97 -24.86 -10.68 5.43
CA ILE A 97 -24.13 -9.44 5.66
C ILE A 97 -23.95 -8.73 4.33
N PRO A 98 -24.28 -7.43 4.23
CA PRO A 98 -24.15 -6.75 2.94
C PRO A 98 -22.74 -6.71 2.40
N ASN A 99 -21.75 -6.44 3.26
CA ASN A 99 -20.37 -6.25 2.84
C ASN A 99 -19.45 -7.08 3.71
N ILE A 100 -18.74 -8.02 3.09
CA ILE A 100 -17.76 -8.87 3.76
C ILE A 100 -16.42 -8.67 3.07
N TRP A 101 -15.43 -8.20 3.82
CA TRP A 101 -14.08 -7.97 3.31
C TRP A 101 -13.13 -8.85 4.09
N VAL A 102 -12.47 -9.77 3.39
CA VAL A 102 -11.63 -10.78 4.02
C VAL A 102 -10.19 -10.60 3.58
N LYS A 103 -9.27 -10.85 4.50
CA LYS A 103 -7.84 -10.87 4.22
C LYS A 103 -7.43 -12.28 3.84
N ALA A 104 -6.71 -12.41 2.73
CA ALA A 104 -6.33 -13.71 2.20
C ALA A 104 -4.83 -13.94 2.35
N GLN A 105 -4.45 -15.21 2.33
CA GLN A 105 -3.05 -15.63 2.45
C GLN A 105 -2.43 -16.02 1.12
N ASN A 106 -3.07 -16.94 0.40
CA ASN A 106 -2.55 -17.42 -0.87
C ASN A 106 -3.67 -17.46 -1.89
N TYR A 107 -3.31 -17.87 -3.12
CA TYR A 107 -4.27 -17.86 -4.22
C TYR A 107 -5.46 -18.75 -3.93
N TYR A 108 -5.25 -19.88 -3.25
CA TYR A 108 -6.34 -20.82 -3.01
C TYR A 108 -7.26 -20.35 -1.88
N HIS A 109 -6.71 -19.68 -0.86
CA HIS A 109 -7.57 -19.04 0.13
C HIS A 109 -8.43 -17.96 -0.53
N HIS A 110 -7.86 -17.21 -1.47
CA HIS A 110 -8.64 -16.22 -2.20
C HIS A 110 -9.72 -16.90 -3.04
N LYS A 111 -9.42 -18.06 -3.62
CA LYS A 111 -10.40 -18.76 -4.44
C LYS A 111 -11.56 -19.27 -3.59
N VAL A 112 -11.27 -19.85 -2.42
CA VAL A 112 -12.36 -20.34 -1.57
C VAL A 112 -13.15 -19.18 -0.98
N LEU A 113 -12.50 -18.03 -0.76
CA LEU A 113 -13.27 -16.85 -0.35
C LEU A 113 -14.14 -16.34 -1.49
N GLU A 114 -13.68 -16.51 -2.74
CA GLU A 114 -14.50 -16.16 -3.90
C GLU A 114 -15.74 -17.05 -3.97
N LYS A 115 -15.56 -18.36 -3.79
CA LYS A 115 -16.66 -19.29 -3.99
C LYS A 115 -17.75 -19.13 -2.92
N ILE A 116 -17.41 -18.65 -1.73
CA ILE A 116 -18.36 -18.63 -0.62
C ILE A 116 -18.95 -17.23 -0.49
N GLY A 117 -18.61 -16.38 -1.45
CA GLY A 117 -19.29 -15.10 -1.60
C GLY A 117 -18.71 -13.95 -0.81
N ALA A 118 -17.40 -13.90 -0.61
CA ALA A 118 -16.79 -12.73 0.01
C ALA A 118 -16.83 -11.56 -0.95
N ASP A 119 -17.19 -10.38 -0.42
CA ASP A 119 -17.39 -9.21 -1.29
C ASP A 119 -16.05 -8.62 -1.74
N ARG A 120 -15.10 -8.45 -0.83
CA ARG A 120 -13.80 -7.92 -1.21
C ARG A 120 -12.69 -8.68 -0.51
N ILE A 121 -11.73 -9.20 -1.28
CA ILE A 121 -10.59 -9.93 -0.75
C ILE A 121 -9.34 -9.06 -0.89
N ILE A 122 -8.60 -8.91 0.19
CA ILE A 122 -7.42 -8.05 0.23
C ILE A 122 -6.18 -8.90 0.42
N HIS A 123 -5.10 -8.53 -0.29
CA HIS A 123 -3.78 -9.15 -0.14
C HIS A 123 -2.80 -8.02 0.21
N PRO A 124 -2.71 -7.65 1.48
CA PRO A 124 -1.93 -6.46 1.85
C PRO A 124 -0.43 -6.64 1.63
N GLU A 125 0.11 -7.73 2.17
CA GLU A 125 1.56 -7.95 2.11
C GLU A 125 2.04 -8.08 0.67
N LYS A 126 1.27 -8.74 -0.19
CA LYS A 126 1.68 -8.92 -1.57
C LYS A 126 1.81 -7.58 -2.30
N ASP A 127 0.76 -6.75 -2.21
CA ASP A 127 0.77 -5.48 -2.90
C ASP A 127 1.83 -4.54 -2.32
N MET A 128 1.96 -4.52 -0.99
CA MET A 128 2.98 -3.67 -0.38
C MET A 128 4.39 -4.14 -0.72
N GLY A 129 4.58 -5.45 -0.89
CA GLY A 129 5.87 -5.95 -1.33
C GLY A 129 6.16 -5.57 -2.76
N VAL A 130 5.13 -5.54 -3.62
CA VAL A 130 5.30 -5.04 -4.97
C VAL A 130 5.77 -3.58 -4.94
N LYS A 131 5.11 -2.77 -4.10
CA LYS A 131 5.50 -1.36 -3.98
C LYS A 131 6.94 -1.20 -3.50
N ILE A 132 7.30 -1.93 -2.44
CA ILE A 132 8.65 -1.81 -1.90
C ILE A 132 9.69 -2.34 -2.89
N ALA A 133 9.35 -3.35 -3.68
CA ALA A 133 10.27 -3.82 -4.71
C ALA A 133 10.47 -2.76 -5.78
N GLN A 134 9.39 -2.09 -6.19
CA GLN A 134 9.51 -0.99 -7.14
C GLN A 134 10.36 0.15 -6.57
N SER A 135 10.28 0.38 -5.25
CA SER A 135 11.13 1.40 -4.65
C SER A 135 12.57 0.93 -4.52
N LEU A 136 12.79 -0.37 -4.43
CA LEU A 136 14.16 -0.89 -4.35
C LEU A 136 14.86 -0.81 -5.70
N SER A 137 14.16 -1.18 -6.78
CA SER A 137 14.77 -1.12 -8.10
C SER A 137 15.06 0.32 -8.52
N ASP A 138 14.28 1.28 -8.03
CA ASP A 138 14.44 2.69 -8.34
C ASP A 138 14.46 3.45 -7.02
N GLU A 139 15.65 3.85 -6.57
CA GLU A 139 15.77 4.60 -5.34
C GLU A 139 15.15 5.99 -5.43
N ASN A 140 14.84 6.46 -6.64
CA ASN A 140 14.26 7.80 -6.79
C ASN A 140 12.81 7.83 -6.35
N VAL A 141 12.05 6.76 -6.63
CA VAL A 141 10.62 6.78 -6.35
C VAL A 141 10.38 6.63 -4.86
N LEU A 142 9.46 7.45 -4.34
CA LEU A 142 9.05 7.40 -2.94
C LEU A 142 7.70 6.72 -2.78
N ASN A 143 6.72 7.12 -3.60
CA ASN A 143 5.42 6.48 -3.64
C ASN A 143 4.88 6.61 -5.06
N TYR A 144 3.82 5.87 -5.35
CA TYR A 144 3.24 5.91 -6.69
C TYR A 144 1.83 5.35 -6.64
N ILE A 145 1.07 5.68 -7.69
CA ILE A 145 -0.25 5.10 -7.90
C ILE A 145 -0.40 4.78 -9.39
N ASP A 146 -0.75 3.53 -9.69
CA ASP A 146 -0.87 3.07 -11.07
C ASP A 146 -2.28 3.36 -11.57
N LEU A 147 -2.40 4.31 -12.49
CA LEU A 147 -3.71 4.61 -13.09
C LEU A 147 -4.21 3.41 -13.89
N SER A 148 -3.36 2.84 -14.73
CA SER A 148 -3.64 1.62 -15.47
C SER A 148 -2.36 0.79 -15.49
N ASP A 149 -2.39 -0.32 -16.25
CA ASP A 149 -1.21 -1.15 -16.41
C ASP A 149 -0.06 -0.40 -17.11
N GLU A 150 -0.34 0.76 -17.69
CA GLU A 150 0.66 1.51 -18.44
C GLU A 150 0.86 2.95 -17.97
N TYR A 151 -0.09 3.53 -17.25
CA TYR A 151 -0.03 4.94 -16.86
C TYR A 151 0.01 5.06 -15.34
N SER A 152 0.74 6.04 -14.82
CA SER A 152 0.96 6.11 -13.39
C SER A 152 1.34 7.53 -12.98
N ILE A 153 1.12 7.80 -11.69
CA ILE A 153 1.59 9.01 -11.03
C ILE A 153 2.68 8.60 -10.05
N VAL A 154 3.80 9.32 -10.05
CA VAL A 154 5.00 8.93 -9.33
C VAL A 154 5.50 10.08 -8.48
N GLU A 155 5.87 9.78 -7.24
CA GLU A 155 6.57 10.72 -6.36
C GLU A 155 8.06 10.39 -6.36
N LEU A 156 8.89 11.42 -6.53
CA LEU A 156 10.31 11.24 -6.73
C LEU A 156 11.10 12.15 -5.79
N LEU A 157 12.34 11.75 -5.53
CA LEU A 157 13.27 12.51 -4.69
C LEU A 157 14.28 13.19 -5.60
N ALA A 158 14.39 14.52 -5.49
CA ALA A 158 15.24 15.29 -6.38
C ALA A 158 16.71 15.00 -6.12
N THR A 159 17.50 15.06 -7.19
CA THR A 159 18.93 14.79 -7.15
C THR A 159 19.72 16.03 -7.55
N ARG A 160 21.05 15.91 -7.51
CA ARG A 160 21.93 17.01 -7.89
C ARG A 160 21.70 17.46 -9.32
N LYS A 161 21.37 16.53 -10.22
CA LYS A 161 21.05 16.87 -11.61
C LYS A 161 19.76 17.67 -11.73
N LEU A 162 18.99 17.79 -10.66
CA LEU A 162 17.70 18.48 -10.69
C LEU A 162 17.68 19.78 -9.92
N ASP A 163 18.73 20.10 -9.16
CA ASP A 163 18.72 21.30 -8.34
C ASP A 163 18.69 22.55 -9.20
N SER A 164 17.89 23.53 -8.77
CA SER A 164 17.77 24.83 -9.44
C SER A 164 17.31 24.68 -10.89
N LYS A 165 16.53 23.65 -11.17
CA LYS A 165 15.98 23.43 -12.51
C LYS A 165 14.50 23.81 -12.49
N SER A 166 14.14 24.79 -13.31
CA SER A 166 12.75 25.23 -13.38
C SER A 166 11.93 24.26 -14.22
N ILE A 167 10.61 24.47 -14.19
CA ILE A 167 9.70 23.57 -14.89
C ILE A 167 9.74 23.82 -16.39
N ILE A 168 10.18 25.00 -16.82
CA ILE A 168 10.30 25.24 -18.26
C ILE A 168 11.62 24.71 -18.81
N ASP A 169 12.67 24.63 -17.99
CA ASP A 169 13.91 24.00 -18.44
C ASP A 169 13.71 22.51 -18.65
N LEU A 170 13.05 21.86 -17.69
CA LEU A 170 12.63 20.46 -17.84
C LEU A 170 11.24 20.45 -18.47
N ASN A 171 11.19 20.55 -19.79
CA ASN A 171 9.94 20.37 -20.52
C ASN A 171 9.59 18.87 -20.49
N VAL A 172 8.68 18.49 -19.61
CA VAL A 172 8.17 17.12 -19.62
C VAL A 172 6.90 17.01 -20.46
N ARG A 173 6.25 18.13 -20.76
CA ARG A 173 5.01 18.10 -21.52
C ARG A 173 5.24 17.66 -22.97
N ALA A 174 6.43 17.91 -23.50
CA ALA A 174 6.75 17.58 -24.89
C ALA A 174 7.95 16.66 -25.04
N LYS A 175 8.95 16.76 -24.17
CA LYS A 175 10.12 15.89 -24.30
C LYS A 175 9.80 14.45 -23.90
N TYR A 176 8.86 14.26 -22.98
CA TYR A 176 8.54 12.93 -22.49
C TYR A 176 7.04 12.64 -22.41
N GLY A 177 6.18 13.61 -22.68
CA GLY A 177 4.75 13.39 -22.58
C GLY A 177 4.22 13.30 -21.18
N CYS A 178 4.97 13.80 -20.19
CA CYS A 178 4.56 13.75 -18.79
C CYS A 178 4.25 15.16 -18.29
N THR A 179 3.74 15.25 -17.08
CA THR A 179 3.40 16.54 -16.49
C THR A 179 3.75 16.53 -15.01
N ILE A 180 4.44 17.58 -14.57
CA ILE A 180 4.76 17.73 -13.15
C ILE A 180 3.54 18.27 -12.43
N LEU A 181 3.15 17.60 -11.34
CA LEU A 181 1.90 17.91 -10.65
C LEU A 181 2.10 18.74 -9.39
N ALA A 182 3.16 18.50 -8.64
CA ALA A 182 3.35 19.22 -7.39
C ALA A 182 4.81 19.15 -6.97
N ILE A 183 5.24 20.18 -6.25
CA ILE A 183 6.58 20.22 -5.66
C ILE A 183 6.42 20.34 -4.15
N LYS A 184 7.32 19.72 -3.42
CA LYS A 184 7.34 19.79 -1.96
C LYS A 184 8.75 20.12 -1.49
N HIS A 185 8.88 21.26 -0.83
CA HIS A 185 10.15 21.78 -0.35
C HIS A 185 10.00 22.17 1.12
N HIS A 186 10.84 21.58 1.98
CA HIS A 186 10.91 21.96 3.39
C HIS A 186 9.56 21.86 4.08
N GLY A 187 8.81 20.80 3.77
CA GLY A 187 7.49 20.60 4.35
C GLY A 187 6.39 21.45 3.76
N ASP A 188 6.73 22.53 3.07
CA ASP A 188 5.74 23.31 2.33
C ASP A 188 5.54 22.69 0.95
N ILE A 189 4.39 22.97 0.34
CA ILE A 189 4.00 22.28 -0.89
C ILE A 189 3.40 23.28 -1.86
N CYS A 190 3.84 23.23 -3.12
CA CYS A 190 3.29 24.01 -4.22
C CYS A 190 2.53 23.05 -5.13
N LEU A 191 1.22 23.22 -5.20
CA LEU A 191 0.36 22.38 -6.01
C LEU A 191 0.17 23.00 -7.39
N SER A 192 0.17 22.15 -8.41
CA SER A 192 0.01 22.57 -9.80
C SER A 192 0.99 23.67 -10.15
N PRO A 193 2.29 23.42 -10.04
CA PRO A 193 3.27 24.50 -10.10
C PRO A 193 3.37 25.11 -11.49
N ALA A 194 3.87 26.35 -11.52
CA ALA A 194 4.00 27.17 -12.72
C ALA A 194 5.29 26.82 -13.45
N PRO A 195 5.36 27.14 -14.75
CA PRO A 195 6.58 26.82 -15.52
C PRO A 195 7.84 27.49 -15.00
N GLU A 196 7.72 28.63 -14.31
CA GLU A 196 8.87 29.34 -13.77
C GLU A 196 9.26 28.87 -12.38
N ASP A 197 8.48 27.98 -11.77
CA ASP A 197 8.82 27.48 -10.44
C ASP A 197 10.01 26.52 -10.53
N ILE A 198 10.93 26.66 -9.58
CA ILE A 198 12.16 25.89 -9.58
C ILE A 198 12.05 24.76 -8.55
N ILE A 199 12.97 23.80 -8.64
CA ILE A 199 13.03 22.67 -7.73
C ILE A 199 14.44 22.55 -7.18
N ARG A 200 14.54 22.34 -5.87
CA ARG A 200 15.82 22.09 -5.22
C ARG A 200 15.97 20.61 -4.93
N GLU A 201 17.23 20.18 -4.74
CA GLU A 201 17.50 18.78 -4.48
C GLU A 201 16.93 18.35 -3.13
N GLN A 202 16.68 17.06 -3.00
CA GLN A 202 16.04 16.47 -1.82
C GLN A 202 14.66 17.08 -1.58
N ASP A 203 13.87 17.14 -2.65
CA ASP A 203 12.50 17.61 -2.62
C ASP A 203 11.60 16.51 -3.15
N CYS A 204 10.29 16.67 -2.95
CA CYS A 204 9.31 15.69 -3.42
C CYS A 204 8.66 16.20 -4.69
N LEU A 205 8.84 15.46 -5.79
CA LEU A 205 8.35 15.85 -7.10
C LEU A 205 7.29 14.87 -7.57
N VAL A 206 6.11 15.38 -7.91
CA VAL A 206 5.01 14.55 -8.38
C VAL A 206 4.91 14.69 -9.89
N ILE A 207 5.10 13.58 -10.60
CA ILE A 207 5.00 13.55 -12.05
C ILE A 207 3.87 12.59 -12.44
N MET A 208 3.33 12.79 -13.62
CA MET A 208 2.22 11.97 -14.11
C MET A 208 2.47 11.61 -15.57
N GLY A 209 2.22 10.36 -15.92
CA GLY A 209 2.36 9.95 -17.31
C GLY A 209 2.54 8.45 -17.42
N HIS A 210 2.94 8.04 -18.62
CA HIS A 210 3.15 6.61 -18.85
C HIS A 210 4.41 6.15 -18.12
N LYS A 211 4.40 4.88 -17.72
CA LYS A 211 5.47 4.34 -16.88
C LYS A 211 6.84 4.49 -17.55
N LYS A 212 6.95 4.02 -18.80
CA LYS A 212 8.22 4.10 -19.51
C LYS A 212 8.66 5.55 -19.72
N ASP A 213 7.70 6.47 -19.85
CA ASP A 213 8.07 7.88 -20.04
C ASP A 213 8.63 8.47 -18.74
N ILE A 214 8.02 8.15 -17.61
CA ILE A 214 8.55 8.60 -16.32
C ILE A 214 9.94 8.02 -16.11
N LYS A 215 10.13 6.74 -16.43
CA LYS A 215 11.46 6.15 -16.31
C LYS A 215 12.47 6.81 -17.26
N ARG A 216 12.01 7.21 -18.46
CA ARG A 216 12.87 7.93 -19.37
C ARG A 216 13.34 9.24 -18.76
N PHE A 217 12.42 9.97 -18.11
CA PHE A 217 12.83 11.21 -17.45
C PHE A 217 13.78 10.92 -16.29
N GLU A 218 13.51 9.87 -15.52
CA GLU A 218 14.42 9.51 -14.43
C GLU A 218 15.82 9.24 -14.96
N ASN A 219 15.93 8.56 -16.10
CA ASN A 219 17.25 8.24 -16.64
C ASN A 219 17.94 9.47 -17.19
N GLU A 220 17.25 10.24 -18.03
CA GLU A 220 17.93 11.30 -18.76
C GLU A 220 18.05 12.60 -17.95
N GLY A 221 17.00 12.98 -17.25
CA GLY A 221 17.01 14.22 -16.49
C GLY A 221 17.73 14.13 -15.16
N MET A 222 17.32 13.19 -14.32
CA MET A 222 17.92 13.06 -13.00
C MET A 222 18.82 11.83 -12.93
N ASN B 6 25.65 -5.39 -12.06
CA ASN B 6 25.88 -6.38 -11.01
C ASN B 6 25.17 -6.01 -9.71
N LYS B 7 24.17 -5.14 -9.82
CA LYS B 7 23.34 -4.78 -8.67
C LYS B 7 22.63 -6.02 -8.15
N GLN B 8 22.71 -6.25 -6.84
CA GLN B 8 22.24 -7.51 -6.26
C GLN B 8 21.34 -7.28 -5.05
N PHE B 9 20.26 -8.05 -5.02
CA PHE B 9 19.23 -8.00 -3.99
C PHE B 9 19.13 -9.37 -3.33
N ALA B 10 19.22 -9.40 -2.01
CA ALA B 10 18.99 -10.60 -1.23
C ALA B 10 17.69 -10.45 -0.46
N VAL B 11 16.89 -11.50 -0.43
CA VAL B 11 15.60 -11.49 0.25
C VAL B 11 15.63 -12.60 1.29
N ILE B 12 15.88 -12.24 2.54
CA ILE B 12 15.91 -13.19 3.64
C ILE B 12 14.55 -13.17 4.32
N GLY B 13 13.92 -14.34 4.41
CA GLY B 13 12.61 -14.42 5.01
C GLY B 13 11.50 -14.48 3.98
N LEU B 14 11.38 -15.62 3.30
CA LEU B 14 10.29 -15.82 2.34
C LEU B 14 8.96 -15.93 3.07
N GLY B 15 8.10 -14.96 2.82
CA GLY B 15 6.76 -14.96 3.36
C GLY B 15 5.83 -14.35 2.35
N ARG B 16 4.66 -13.89 2.77
CA ARG B 16 3.81 -13.16 1.85
C ARG B 16 4.49 -11.86 1.40
N PHE B 17 4.92 -11.05 2.37
CA PHE B 17 5.64 -9.82 2.04
C PHE B 17 6.96 -10.12 1.34
N GLY B 18 7.79 -10.96 1.96
CA GLY B 18 9.10 -11.23 1.39
C GLY B 18 9.04 -11.98 0.08
N GLY B 19 8.15 -12.98 -0.01
CA GLY B 19 7.97 -13.68 -1.26
C GLY B 19 7.47 -12.77 -2.37
N SER B 20 6.57 -11.84 -2.02
CA SER B 20 6.10 -10.87 -3.00
C SER B 20 7.23 -9.96 -3.47
N ILE B 21 8.06 -9.48 -2.53
CA ILE B 21 9.21 -8.66 -2.90
C ILE B 21 10.13 -9.40 -3.85
N CYS B 22 10.45 -10.65 -3.51
CA CYS B 22 11.39 -11.43 -4.32
C CYS B 22 10.82 -11.71 -5.71
N LYS B 23 9.54 -12.11 -5.77
CA LYS B 23 8.93 -12.42 -7.06
C LYS B 23 8.82 -11.17 -7.93
N GLU B 24 8.45 -10.04 -7.33
CA GLU B 24 8.34 -8.79 -8.10
C GLU B 24 9.69 -8.28 -8.55
N LEU B 25 10.74 -8.49 -7.74
CA LEU B 25 12.07 -8.07 -8.15
C LEU B 25 12.62 -8.95 -9.27
N HIS B 26 12.35 -10.25 -9.21
CA HIS B 26 12.83 -11.14 -10.26
C HIS B 26 12.01 -11.01 -11.54
N ARG B 27 10.73 -10.64 -11.43
CA ARG B 27 9.95 -10.35 -12.63
C ARG B 27 10.51 -9.12 -13.35
N MET B 28 11.06 -8.17 -12.61
CA MET B 28 11.61 -6.95 -13.19
C MET B 28 12.91 -7.20 -13.94
N GLY B 29 13.44 -8.42 -13.92
CA GLY B 29 14.70 -8.70 -14.57
C GLY B 29 15.90 -8.39 -13.70
N HIS B 30 15.81 -8.62 -12.40
CA HIS B 30 16.88 -8.34 -11.45
C HIS B 30 17.43 -9.65 -10.89
N GLU B 31 18.60 -9.54 -10.27
CA GLU B 31 19.23 -10.67 -9.60
C GLU B 31 18.76 -10.72 -8.15
N VAL B 32 18.05 -11.79 -7.78
CA VAL B 32 17.51 -11.96 -6.45
C VAL B 32 17.91 -13.32 -5.92
N LEU B 33 18.26 -13.38 -4.64
CA LEU B 33 18.54 -14.63 -3.95
C LEU B 33 17.50 -14.82 -2.86
N ALA B 34 16.66 -15.84 -3.01
CA ALA B 34 15.67 -16.16 -1.99
C ALA B 34 16.31 -17.01 -0.91
N VAL B 35 16.16 -16.59 0.35
CA VAL B 35 16.77 -17.27 1.49
C VAL B 35 15.68 -17.52 2.51
N ASP B 36 15.51 -18.78 2.91
CA ASP B 36 14.56 -19.15 3.94
C ASP B 36 15.06 -20.38 4.68
N ILE B 37 14.83 -20.41 5.99
CA ILE B 37 15.19 -21.55 6.82
C ILE B 37 14.30 -22.75 6.59
N ASN B 38 13.17 -22.56 5.89
CA ASN B 38 12.24 -23.65 5.60
C ASN B 38 12.50 -24.16 4.19
N GLU B 39 12.78 -25.46 4.08
CA GLU B 39 13.07 -26.06 2.77
C GLU B 39 11.89 -25.93 1.82
N GLU B 40 10.66 -26.03 2.35
CA GLU B 40 9.48 -25.94 1.50
C GLU B 40 9.32 -24.53 0.92
N LYS B 41 9.57 -23.50 1.73
CA LYS B 41 9.50 -22.13 1.21
C LYS B 41 10.55 -21.90 0.13
N VAL B 42 11.74 -22.46 0.31
CA VAL B 42 12.79 -22.33 -0.69
C VAL B 42 12.37 -23.03 -1.98
N ASN B 43 11.85 -24.25 -1.87
CA ASN B 43 11.37 -24.94 -3.06
C ASN B 43 10.22 -24.19 -3.73
N ALA B 44 9.41 -23.48 -2.94
CA ALA B 44 8.30 -22.74 -3.51
C ALA B 44 8.79 -21.54 -4.31
N TYR B 45 9.61 -20.69 -3.70
CA TYR B 45 10.07 -19.47 -4.35
C TYR B 45 11.34 -19.66 -5.17
N ALA B 46 11.77 -20.91 -5.39
CA ALA B 46 12.95 -21.14 -6.22
C ALA B 46 12.71 -20.74 -7.67
N SER B 47 11.62 -21.22 -8.26
CA SER B 47 11.34 -20.96 -9.67
C SER B 47 11.06 -19.49 -9.97
N TYR B 48 10.94 -18.65 -8.94
CA TYR B 48 10.66 -17.23 -9.13
C TYR B 48 11.84 -16.34 -8.76
N ALA B 49 13.05 -16.89 -8.67
CA ALA B 49 14.23 -16.12 -8.30
C ALA B 49 15.41 -16.59 -9.12
N THR B 50 16.50 -15.81 -9.05
CA THR B 50 17.74 -16.20 -9.71
C THR B 50 18.48 -17.29 -8.94
N HIS B 51 18.30 -17.33 -7.62
CA HIS B 51 18.88 -18.39 -6.80
C HIS B 51 18.07 -18.51 -5.52
N ALA B 52 18.06 -19.72 -4.95
CA ALA B 52 17.33 -20.01 -3.72
C ALA B 52 18.16 -20.97 -2.88
N VAL B 53 18.47 -20.55 -1.66
CA VAL B 53 19.31 -21.34 -0.75
C VAL B 53 18.60 -21.46 0.59
N ILE B 54 18.61 -22.68 1.14
CA ILE B 54 18.12 -22.92 2.50
C ILE B 54 19.21 -22.48 3.47
N ALA B 55 18.95 -21.41 4.23
CA ALA B 55 19.95 -20.88 5.14
C ALA B 55 19.26 -20.33 6.38
N ASN B 56 19.95 -20.47 7.51
CA ASN B 56 19.51 -19.87 8.77
C ASN B 56 20.21 -18.53 8.90
N ALA B 57 19.48 -17.45 8.62
CA ALA B 57 20.07 -16.11 8.58
C ALA B 57 20.66 -15.68 9.91
N THR B 58 20.20 -16.25 11.02
CA THR B 58 20.79 -15.97 12.31
C THR B 58 22.21 -16.51 12.43
N GLU B 59 22.63 -17.40 11.53
CA GLU B 59 23.96 -17.99 11.58
C GLU B 59 24.92 -17.19 10.71
N GLU B 60 26.03 -16.76 11.31
CA GLU B 60 27.02 -15.96 10.59
C GLU B 60 27.71 -16.79 9.51
N ASN B 61 27.96 -18.07 9.79
CA ASN B 61 28.66 -18.92 8.84
C ASN B 61 27.83 -19.11 7.57
N GLU B 62 26.56 -19.49 7.72
CA GLU B 62 25.70 -19.65 6.55
C GLU B 62 25.51 -18.32 5.84
N LEU B 63 25.39 -17.23 6.60
CA LEU B 63 25.26 -15.91 5.99
C LEU B 63 26.47 -15.60 5.10
N LEU B 64 27.67 -15.92 5.57
CA LEU B 64 28.87 -15.72 4.76
C LEU B 64 28.92 -16.70 3.59
N SER B 65 28.35 -17.89 3.76
CA SER B 65 28.43 -18.90 2.71
C SER B 65 27.56 -18.55 1.50
N LEU B 66 26.49 -17.76 1.71
CA LEU B 66 25.67 -17.31 0.58
C LEU B 66 26.40 -16.30 -0.28
N GLY B 67 27.48 -15.70 0.22
CA GLY B 67 28.04 -14.54 -0.43
C GLY B 67 27.27 -13.28 -0.14
N ILE B 68 26.85 -13.09 1.12
CA ILE B 68 26.01 -11.96 1.49
C ILE B 68 26.74 -10.63 1.32
N ARG B 69 28.08 -10.65 1.30
CA ARG B 69 28.84 -9.41 1.15
C ARG B 69 28.68 -8.81 -0.24
N ASN B 70 28.32 -9.60 -1.24
CA ASN B 70 28.20 -9.13 -2.61
C ASN B 70 26.86 -8.46 -2.90
N PHE B 71 25.94 -8.45 -1.95
CA PHE B 71 24.60 -7.91 -2.17
C PHE B 71 24.58 -6.44 -1.74
N GLU B 72 24.18 -5.56 -2.67
CA GLU B 72 24.04 -4.15 -2.33
C GLU B 72 22.79 -3.92 -1.49
N TYR B 73 21.70 -4.63 -1.79
CA TYR B 73 20.46 -4.49 -1.02
C TYR B 73 20.13 -5.82 -0.35
N VAL B 74 19.74 -5.77 0.92
CA VAL B 74 19.29 -6.95 1.63
C VAL B 74 18.01 -6.63 2.38
N ILE B 75 17.01 -7.49 2.24
CA ILE B 75 15.68 -7.27 2.77
C ILE B 75 15.36 -8.40 3.74
N VAL B 76 15.29 -8.08 5.02
CA VAL B 76 14.92 -9.03 6.07
C VAL B 76 13.41 -8.95 6.23
N ALA B 77 12.69 -9.85 5.57
CA ALA B 77 11.24 -9.89 5.64
C ALA B 77 10.73 -10.73 6.80
N ILE B 78 11.62 -11.18 7.69
CA ILE B 78 11.19 -11.87 8.89
C ILE B 78 10.49 -10.87 9.79
N GLY B 79 9.21 -11.11 10.08
CA GLY B 79 8.41 -10.19 10.87
C GLY B 79 7.77 -10.82 12.09
N ALA B 80 7.52 -12.13 12.04
CA ALA B 80 6.88 -12.80 13.16
C ALA B 80 7.87 -13.13 14.27
N ASN B 81 9.04 -13.65 13.91
CA ASN B 81 10.10 -13.92 14.87
C ASN B 81 10.90 -12.63 15.06
N ILE B 82 10.67 -11.95 16.19
CA ILE B 82 11.28 -10.65 16.42
C ILE B 82 12.78 -10.81 16.67
N GLN B 83 13.15 -11.79 17.49
CA GLN B 83 14.56 -11.96 17.83
C GLN B 83 15.37 -12.42 16.62
N ALA B 84 14.79 -13.27 15.77
CA ALA B 84 15.49 -13.69 14.57
C ALA B 84 15.71 -12.52 13.62
N SER B 85 14.70 -11.66 13.46
CA SER B 85 14.84 -10.48 12.61
C SER B 85 15.90 -9.53 13.15
N THR B 86 15.91 -9.32 14.47
CA THR B 86 16.91 -8.44 15.07
C THR B 86 18.32 -9.02 14.89
N LEU B 87 18.47 -10.33 15.07
CA LEU B 87 19.77 -10.98 14.88
C LEU B 87 20.25 -10.85 13.45
N THR B 88 19.35 -11.11 12.49
CA THR B 88 19.73 -11.00 11.08
C THR B 88 20.12 -9.56 10.74
N THR B 89 19.37 -8.58 11.23
CA THR B 89 19.69 -7.19 10.93
C THR B 89 21.02 -6.77 11.55
N LEU B 90 21.26 -7.18 12.80
CA LEU B 90 22.53 -6.86 13.44
C LEU B 90 23.70 -7.49 12.70
N LEU B 91 23.55 -8.75 12.28
CA LEU B 91 24.60 -9.42 11.51
C LEU B 91 24.85 -8.69 10.20
N LEU B 92 23.79 -8.31 9.49
CA LEU B 92 23.95 -7.65 8.20
C LEU B 92 24.60 -6.28 8.36
N LYS B 93 24.30 -5.57 9.45
CA LYS B 93 24.98 -4.30 9.70
C LYS B 93 26.45 -4.52 10.01
N GLU B 94 26.74 -5.46 10.92
CA GLU B 94 28.13 -5.72 11.28
C GLU B 94 28.93 -6.34 10.14
N LEU B 95 28.26 -6.81 9.08
CA LEU B 95 28.92 -7.23 7.85
C LEU B 95 28.93 -6.13 6.79
N ASP B 96 28.54 -4.91 7.16
CA ASP B 96 28.69 -3.71 6.32
C ASP B 96 27.86 -3.78 5.04
N ILE B 97 26.64 -4.29 5.16
CA ILE B 97 25.73 -4.24 4.01
C ILE B 97 25.25 -2.80 3.82
N PRO B 98 25.36 -2.23 2.62
CA PRO B 98 24.98 -0.82 2.45
C PRO B 98 23.54 -0.52 2.81
N ASN B 99 22.59 -1.24 2.22
CA ASN B 99 21.16 -0.98 2.40
C ASN B 99 20.49 -2.21 2.99
N ILE B 100 19.93 -2.04 4.19
CA ILE B 100 19.18 -3.07 4.90
C ILE B 100 17.75 -2.58 5.07
N TRP B 101 16.81 -3.30 4.47
CA TRP B 101 15.39 -2.99 4.57
C TRP B 101 14.72 -4.12 5.35
N VAL B 102 14.15 -3.78 6.51
CA VAL B 102 13.64 -4.78 7.43
C VAL B 102 12.14 -4.57 7.63
N LYS B 103 11.41 -5.69 7.64
CA LYS B 103 9.99 -5.69 7.94
C LYS B 103 9.80 -5.72 9.47
N ALA B 104 8.98 -4.81 9.97
CA ALA B 104 8.72 -4.70 11.40
C ALA B 104 7.41 -5.38 11.78
N GLN B 105 7.25 -5.59 13.07
CA GLN B 105 6.04 -6.21 13.61
C GLN B 105 5.26 -5.29 14.53
N ASN B 106 5.93 -4.60 15.44
CA ASN B 106 5.28 -3.61 16.28
C ASN B 106 6.18 -2.39 16.36
N TYR B 107 5.79 -1.43 17.19
CA TYR B 107 6.52 -0.18 17.29
C TYR B 107 7.86 -0.36 17.99
N TYR B 108 7.94 -1.28 18.94
CA TYR B 108 9.21 -1.54 19.62
C TYR B 108 10.20 -2.28 18.71
N HIS B 109 9.71 -3.16 17.85
CA HIS B 109 10.58 -3.77 16.85
C HIS B 109 11.15 -2.69 15.93
N HIS B 110 10.33 -1.71 15.55
CA HIS B 110 10.83 -0.59 14.76
C HIS B 110 11.90 0.18 15.53
N LYS B 111 11.69 0.42 16.82
CA LYS B 111 12.68 1.14 17.60
C LYS B 111 14.01 0.39 17.67
N VAL B 112 13.96 -0.92 17.93
CA VAL B 112 15.20 -1.67 18.07
C VAL B 112 15.89 -1.84 16.72
N LEU B 113 15.13 -1.90 15.62
CA LEU B 113 15.77 -1.93 14.31
C LEU B 113 16.38 -0.57 13.96
N GLU B 114 15.77 0.51 14.45
CA GLU B 114 16.35 1.84 14.28
C GLU B 114 17.67 1.95 15.03
N LYS B 115 17.69 1.47 16.28
CA LYS B 115 18.88 1.65 17.11
C LYS B 115 20.07 0.84 16.60
N ILE B 116 19.82 -0.31 15.95
CA ILE B 116 20.90 -1.14 15.44
C ILE B 116 21.29 -0.78 14.00
N GLY B 117 20.67 0.23 13.42
CA GLY B 117 21.13 0.80 12.16
C GLY B 117 20.50 0.27 10.90
N ALA B 118 19.23 -0.12 10.92
CA ALA B 118 18.54 -0.53 9.71
C ALA B 118 18.31 0.67 8.80
N ASP B 119 18.61 0.52 7.51
CA ASP B 119 18.47 1.63 6.58
C ASP B 119 17.01 2.01 6.38
N ARG B 120 16.14 1.04 6.13
CA ARG B 120 14.71 1.31 6.02
C ARG B 120 13.93 0.27 6.81
N ILE B 121 12.90 0.72 7.51
CA ILE B 121 11.99 -0.15 8.25
C ILE B 121 10.60 0.01 7.64
N ILE B 122 9.95 -1.12 7.35
CA ILE B 122 8.69 -1.12 6.63
C ILE B 122 7.61 -1.74 7.51
N HIS B 123 6.43 -1.12 7.51
CA HIS B 123 5.24 -1.61 8.20
C HIS B 123 4.15 -1.84 7.16
N PRO B 124 4.18 -2.96 6.46
CA PRO B 124 3.26 -3.17 5.33
C PRO B 124 1.81 -3.30 5.77
N GLU B 125 1.58 -4.15 6.77
CA GLU B 125 0.22 -4.48 7.19
C GLU B 125 -0.49 -3.26 7.78
N LYS B 126 0.22 -2.47 8.59
CA LYS B 126 -0.37 -1.27 9.18
C LYS B 126 -0.75 -0.25 8.10
N ASP B 127 0.15 -0.05 7.13
CA ASP B 127 -0.12 0.92 6.07
C ASP B 127 -1.32 0.49 5.23
N MET B 128 -1.36 -0.78 4.83
CA MET B 128 -2.48 -1.25 4.04
C MET B 128 -3.77 -1.26 4.83
N GLY B 129 -3.70 -1.48 6.15
CA GLY B 129 -4.90 -1.36 6.98
C GLY B 129 -5.43 0.05 7.01
N VAL B 130 -4.54 1.03 7.10
CA VAL B 130 -4.98 2.43 7.03
C VAL B 130 -5.63 2.72 5.68
N LYS B 131 -5.01 2.26 4.60
CA LYS B 131 -5.56 2.50 3.26
C LYS B 131 -6.93 1.85 3.10
N ILE B 132 -7.07 0.62 3.57
CA ILE B 132 -8.35 -0.08 3.44
C ILE B 132 -9.41 0.57 4.33
N ALA B 133 -9.02 1.12 5.48
CA ALA B 133 -9.99 1.86 6.29
C ALA B 133 -10.45 3.11 5.57
N GLN B 134 -9.52 3.81 4.91
CA GLN B 134 -9.90 4.98 4.10
C GLN B 134 -10.88 4.59 2.99
N SER B 135 -10.64 3.46 2.33
CA SER B 135 -11.58 2.99 1.33
C SER B 135 -12.89 2.49 1.94
N LEU B 136 -12.86 2.09 3.22
CA LEU B 136 -14.05 1.58 3.88
C LEU B 136 -15.02 2.71 4.22
N SER B 137 -14.53 3.74 4.92
CA SER B 137 -15.41 4.84 5.29
C SER B 137 -15.89 5.59 4.05
N ASP B 138 -14.99 5.86 3.11
CA ASP B 138 -15.33 6.51 1.85
C ASP B 138 -15.42 5.42 0.78
N GLU B 139 -16.64 4.97 0.51
CA GLU B 139 -16.85 3.91 -0.48
C GLU B 139 -16.53 4.38 -1.89
N ASN B 140 -16.34 5.68 -2.10
CA ASN B 140 -16.05 6.19 -3.44
C ASN B 140 -14.59 5.97 -3.83
N VAL B 141 -13.67 6.09 -2.86
CA VAL B 141 -12.26 6.09 -3.20
C VAL B 141 -11.80 4.68 -3.58
N LEU B 142 -10.98 4.59 -4.61
CA LEU B 142 -10.38 3.33 -5.05
C LEU B 142 -8.92 3.22 -4.63
N ASN B 143 -8.14 4.27 -4.86
CA ASN B 143 -6.76 4.37 -4.39
C ASN B 143 -6.44 5.84 -4.20
N TYR B 144 -5.30 6.12 -3.59
CA TYR B 144 -4.92 7.51 -3.33
C TYR B 144 -3.43 7.54 -2.97
N ILE B 145 -2.93 8.75 -2.77
CA ILE B 145 -1.56 8.99 -2.33
C ILE B 145 -1.50 10.35 -1.65
N ASP B 146 -1.00 10.37 -0.42
CA ASP B 146 -0.90 11.61 0.36
C ASP B 146 0.40 12.32 -0.02
N LEU B 147 0.27 13.51 -0.62
CA LEU B 147 1.44 14.33 -0.90
C LEU B 147 1.98 14.95 0.39
N SER B 148 1.07 15.39 1.27
CA SER B 148 1.39 15.85 2.61
C SER B 148 0.23 15.49 3.51
N ASP B 149 0.28 15.97 4.77
CA ASP B 149 -0.75 15.66 5.75
C ASP B 149 -2.04 16.40 5.41
N GLU B 150 -2.01 17.23 4.37
CA GLU B 150 -3.19 18.00 4.02
C GLU B 150 -3.60 17.82 2.56
N TYR B 151 -2.65 17.50 1.68
CA TYR B 151 -2.91 17.40 0.25
C TYR B 151 -2.73 15.97 -0.23
N SER B 152 -3.56 15.56 -1.18
CA SER B 152 -3.60 14.17 -1.62
C SER B 152 -4.18 14.09 -3.02
N ILE B 153 -3.81 13.02 -3.73
CA ILE B 153 -4.37 12.66 -5.02
C ILE B 153 -5.23 11.43 -4.82
N VAL B 154 -6.46 11.48 -5.31
CA VAL B 154 -7.47 10.44 -5.05
C VAL B 154 -8.07 9.97 -6.36
N GLU B 155 -8.14 8.65 -6.54
CA GLU B 155 -8.88 8.02 -7.62
C GLU B 155 -10.26 7.62 -7.09
N LEU B 156 -11.29 7.89 -7.88
CA LEU B 156 -12.66 7.79 -7.41
C LEU B 156 -13.53 7.14 -8.48
N LEU B 157 -14.55 6.42 -8.03
CA LEU B 157 -15.57 5.86 -8.90
C LEU B 157 -16.68 6.89 -9.09
N ALA B 158 -16.84 7.39 -10.31
CA ALA B 158 -17.87 8.37 -10.59
C ALA B 158 -19.25 7.76 -10.39
N THR B 159 -20.10 8.48 -9.67
CA THR B 159 -21.43 7.99 -9.34
C THR B 159 -22.42 8.38 -10.43
N ARG B 160 -23.69 8.00 -10.23
CA ARG B 160 -24.74 8.39 -11.17
C ARG B 160 -24.93 9.90 -11.20
N LYS B 161 -24.63 10.57 -10.09
CA LYS B 161 -24.74 12.03 -10.05
C LYS B 161 -23.75 12.71 -10.98
N LEU B 162 -22.67 12.02 -11.36
CA LEU B 162 -21.68 12.56 -12.26
C LEU B 162 -21.79 12.00 -13.67
N ASP B 163 -22.82 11.21 -13.95
CA ASP B 163 -22.95 10.56 -15.25
C ASP B 163 -23.24 11.59 -16.34
N SER B 164 -22.45 11.54 -17.42
CA SER B 164 -22.59 12.45 -18.55
C SER B 164 -22.44 13.90 -18.14
N LYS B 165 -21.46 14.18 -17.29
CA LYS B 165 -21.11 15.53 -16.88
C LYS B 165 -19.76 15.91 -17.50
N SER B 166 -19.42 17.20 -17.42
CA SER B 166 -18.27 17.74 -18.12
C SER B 166 -17.27 18.34 -17.13
N ILE B 167 -16.13 18.79 -17.67
CA ILE B 167 -15.09 19.39 -16.84
C ILE B 167 -15.44 20.82 -16.48
N ILE B 168 -16.22 21.51 -17.32
CA ILE B 168 -16.74 22.81 -16.91
C ILE B 168 -18.08 22.67 -16.21
N ASP B 169 -18.86 21.63 -16.51
CA ASP B 169 -20.08 21.37 -15.77
C ASP B 169 -19.78 20.95 -14.33
N LEU B 170 -18.76 20.08 -14.17
CA LEU B 170 -18.16 19.79 -12.86
C LEU B 170 -16.92 20.65 -12.71
N ASN B 171 -17.11 21.89 -12.26
CA ASN B 171 -16.00 22.81 -12.03
C ASN B 171 -15.50 22.61 -10.60
N VAL B 172 -14.21 22.33 -10.47
CA VAL B 172 -13.61 22.10 -9.16
C VAL B 172 -12.44 23.03 -8.88
N ARG B 173 -11.81 23.61 -9.89
CA ARG B 173 -10.72 24.54 -9.66
C ARG B 173 -11.18 25.82 -8.98
N ALA B 174 -12.48 26.11 -9.00
CA ALA B 174 -13.05 27.27 -8.33
C ALA B 174 -14.15 26.92 -7.33
N LYS B 175 -14.89 25.84 -7.55
CA LYS B 175 -15.99 25.48 -6.65
C LYS B 175 -15.54 24.66 -5.45
N TYR B 176 -14.43 23.92 -5.57
CA TYR B 176 -13.93 23.11 -4.48
C TYR B 176 -12.43 23.20 -4.28
N GLY B 177 -11.69 23.88 -5.15
CA GLY B 177 -10.27 24.08 -4.98
C GLY B 177 -9.38 22.98 -5.52
N CYS B 178 -9.95 21.88 -6.00
CA CYS B 178 -9.18 20.78 -6.57
C CYS B 178 -9.09 20.92 -8.08
N THR B 179 -8.29 20.04 -8.68
CA THR B 179 -8.22 19.91 -10.13
C THR B 179 -8.40 18.46 -10.51
N ILE B 180 -8.79 18.23 -11.75
CA ILE B 180 -9.02 16.88 -12.29
C ILE B 180 -7.86 16.55 -13.23
N LEU B 181 -7.31 15.35 -13.08
CA LEU B 181 -6.04 14.98 -13.70
C LEU B 181 -6.13 13.86 -14.70
N ALA B 182 -7.05 12.91 -14.54
CA ALA B 182 -7.18 11.82 -15.48
C ALA B 182 -8.57 11.22 -15.36
N ILE B 183 -9.08 10.74 -16.49
CA ILE B 183 -10.37 10.07 -16.55
C ILE B 183 -10.22 8.77 -17.31
N LYS B 184 -10.68 7.67 -16.73
CA LYS B 184 -10.57 6.34 -17.32
C LYS B 184 -11.98 5.83 -17.65
N HIS B 185 -12.25 5.65 -18.93
CA HIS B 185 -13.54 5.18 -19.42
C HIS B 185 -13.35 3.90 -20.21
N HIS B 186 -13.97 2.81 -19.75
CA HIS B 186 -13.99 1.52 -20.43
C HIS B 186 -12.61 0.94 -20.70
N GLY B 187 -11.57 1.47 -20.05
CA GLY B 187 -10.20 1.02 -20.26
C GLY B 187 -9.31 2.01 -20.98
N ASP B 188 -9.87 3.05 -21.57
CA ASP B 188 -9.08 4.11 -22.21
C ASP B 188 -8.95 5.28 -21.26
N ILE B 189 -7.74 5.81 -21.14
CA ILE B 189 -7.43 6.83 -20.14
C ILE B 189 -7.11 8.14 -20.83
N CYS B 190 -7.49 9.24 -20.19
CA CYS B 190 -7.26 10.59 -20.68
C CYS B 190 -6.53 11.37 -19.60
N LEU B 191 -5.35 11.89 -19.93
CA LEU B 191 -4.51 12.64 -19.02
C LEU B 191 -4.61 14.13 -19.30
N SER B 192 -4.52 14.93 -18.25
CA SER B 192 -4.64 16.38 -18.32
C SER B 192 -5.90 16.77 -19.09
N PRO B 193 -7.08 16.30 -18.65
CA PRO B 193 -8.25 16.33 -19.52
C PRO B 193 -8.66 17.74 -19.92
N ALA B 194 -9.07 17.88 -21.18
CA ALA B 194 -9.55 19.15 -21.69
C ALA B 194 -10.82 19.58 -20.97
N PRO B 195 -11.13 20.88 -20.96
CA PRO B 195 -12.36 21.35 -20.31
C PRO B 195 -13.64 20.78 -20.91
N GLU B 196 -13.58 20.16 -22.09
CA GLU B 196 -14.76 19.61 -22.74
C GLU B 196 -14.98 18.14 -22.47
N ASP B 197 -14.04 17.46 -21.80
CA ASP B 197 -14.14 16.02 -21.60
C ASP B 197 -15.32 15.67 -20.69
N ILE B 198 -15.87 14.48 -20.91
CA ILE B 198 -17.08 14.03 -20.24
C ILE B 198 -16.74 12.89 -19.29
N ILE B 199 -17.31 12.92 -18.10
CA ILE B 199 -17.22 11.82 -17.14
C ILE B 199 -18.53 11.03 -17.17
N ARG B 200 -18.42 9.71 -17.13
CA ARG B 200 -19.57 8.82 -17.19
C ARG B 200 -19.66 8.01 -15.91
N GLU B 201 -20.82 7.39 -15.69
CA GLU B 201 -21.02 6.59 -14.49
C GLU B 201 -20.06 5.40 -14.48
N GLN B 202 -19.51 5.11 -13.30
CA GLN B 202 -18.54 4.05 -13.06
C GLN B 202 -17.19 4.33 -13.72
N ASP B 203 -16.90 5.57 -14.08
CA ASP B 203 -15.60 5.93 -14.60
C ASP B 203 -14.61 6.15 -13.45
N CYS B 204 -13.34 6.25 -13.80
CA CYS B 204 -12.28 6.51 -12.82
C CYS B 204 -11.83 7.96 -12.94
N LEU B 205 -11.96 8.71 -11.84
CA LEU B 205 -11.63 10.12 -11.79
C LEU B 205 -10.43 10.34 -10.87
N VAL B 206 -9.45 11.09 -11.33
CA VAL B 206 -8.24 11.35 -10.55
C VAL B 206 -8.25 12.82 -10.16
N ILE B 207 -8.73 13.10 -8.95
CA ILE B 207 -8.77 14.45 -8.43
C ILE B 207 -7.56 14.65 -7.54
N MET B 208 -7.24 15.91 -7.25
CA MET B 208 -6.06 16.23 -6.46
C MET B 208 -6.27 17.55 -5.73
N GLY B 209 -5.97 17.56 -4.44
CA GLY B 209 -6.13 18.77 -3.66
C GLY B 209 -6.18 18.43 -2.17
N HIS B 210 -6.70 19.38 -1.40
CA HIS B 210 -6.84 19.17 0.03
C HIS B 210 -7.82 18.04 0.32
N LYS B 211 -7.57 17.32 1.42
CA LYS B 211 -8.47 16.23 1.81
C LYS B 211 -9.88 16.74 2.02
N LYS B 212 -10.03 17.83 2.79
CA LYS B 212 -11.36 18.37 3.04
C LYS B 212 -12.00 18.89 1.76
N ASP B 213 -11.21 19.42 0.83
CA ASP B 213 -11.75 19.87 -0.45
C ASP B 213 -12.35 18.70 -1.23
N ILE B 214 -11.59 17.61 -1.32
CA ILE B 214 -12.07 16.42 -2.03
C ILE B 214 -13.32 15.87 -1.36
N LYS B 215 -13.36 15.88 -0.03
CA LYS B 215 -14.55 15.37 0.66
C LYS B 215 -15.74 16.31 0.47
N ARG B 216 -15.51 17.62 0.41
CA ARG B 216 -16.56 18.55 0.00
C ARG B 216 -17.13 18.16 -1.35
N PHE B 217 -16.24 17.94 -2.32
CA PHE B 217 -16.69 17.56 -3.66
C PHE B 217 -17.46 16.25 -3.63
N GLU B 218 -17.04 15.30 -2.80
CA GLU B 218 -17.72 14.01 -2.74
C GLU B 218 -19.10 14.14 -2.13
N ASN B 219 -19.24 14.92 -1.05
CA ASN B 219 -20.54 15.09 -0.42
C ASN B 219 -21.49 15.89 -1.31
N GLU B 220 -21.00 16.96 -1.91
CA GLU B 220 -21.84 17.85 -2.72
C GLU B 220 -21.92 17.40 -4.17
N GLY B 221 -20.77 17.22 -4.82
CA GLY B 221 -20.74 16.90 -6.24
C GLY B 221 -21.17 15.48 -6.56
N MET B 222 -20.49 14.50 -5.99
CA MET B 222 -20.83 13.11 -6.25
C MET B 222 -22.02 12.65 -5.42
PG ATP C . -1.50 -10.04 10.56
O1G ATP C . -1.72 -9.28 11.82
O2G ATP C . -0.04 -10.11 10.13
O3G ATP C . -2.35 -9.55 9.37
PB ATP C . -2.17 -12.89 9.88
O1B ATP C . -0.89 -13.48 9.45
O2B ATP C . -3.15 -12.53 8.77
O3B ATP C . -1.94 -11.57 10.75
PA ATP C . -3.06 -13.98 12.50
O1A ATP C . -2.54 -12.79 13.20
O2A ATP C . -2.39 -15.30 12.89
O3A ATP C . -2.95 -13.83 10.91
O5' ATP C . -4.61 -14.13 12.73
C5' ATP C . -5.50 -13.00 12.65
C4' ATP C . -5.96 -12.63 14.03
O4' ATP C . -7.33 -13.03 14.21
C3' ATP C . -5.18 -13.24 15.20
O3' ATP C . -4.48 -12.22 15.92
C2' ATP C . -6.25 -13.91 16.07
O2' ATP C . -6.07 -13.64 17.45
C1' ATP C . -7.53 -13.22 15.59
N9 ATP C . -8.76 -13.98 15.79
C8 ATP C . -9.82 -13.62 16.58
N7 ATP C . -10.81 -14.49 16.57
C5 ATP C . -10.37 -15.48 15.71
C6 ATP C . -10.96 -16.67 15.26
N6 ATP C . -12.17 -17.09 15.65
N1 ATP C . -10.26 -17.44 14.39
C2 ATP C . -9.05 -17.02 14.01
N3 ATP C . -8.39 -15.91 14.36
C4 ATP C . -9.11 -15.17 15.22
PG ATP D . 4.65 -12.29 6.10
O1G ATP D . 3.53 -11.40 6.51
O2G ATP D . 5.75 -11.59 5.31
O3G ATP D . 4.17 -13.52 5.30
PB ATP D . 5.29 -12.89 8.98
O1B ATP D . 5.26 -11.51 9.50
O2B ATP D . 4.10 -13.77 9.36
O3B ATP D . 5.39 -12.90 7.38
PA ATP D . 7.12 -15.18 9.43
O1A ATP D . 8.13 -15.39 10.49
O2A ATP D . 5.89 -16.08 9.53
O3A ATP D . 6.62 -13.66 9.40
O5' ATP D . 7.75 -15.38 8.00
C5' ATP D . 9.12 -14.99 7.74
C4' ATP D . 9.75 -16.10 6.92
O4' ATP D . 11.16 -16.17 7.25
C3' ATP D . 9.18 -17.49 7.17
O3' ATP D . 9.10 -18.23 5.96
C2' ATP D . 10.18 -18.12 8.13
O2' ATP D . 10.24 -19.53 7.99
C1' ATP D . 11.48 -17.49 7.65
N9 ATP D . 12.52 -17.43 8.66
C8 ATP D . 12.36 -17.31 10.02
N7 ATP D . 13.48 -17.29 10.70
C5 ATP D . 14.45 -17.43 9.72
C6 ATP D . 15.86 -17.48 9.79
N6 ATP D . 16.56 -17.41 10.93
N1 ATP D . 16.54 -17.61 8.63
C2 ATP D . 15.85 -17.69 7.49
N3 ATP D . 14.53 -17.65 7.30
C4 ATP D . 13.88 -17.51 8.46
TL TL E . 1.18 -10.61 7.91
#